data_1FGV
#
_entry.id   1FGV
#
_cell.length_a   64.200
_cell.length_b   61.300
_cell.length_c   51.800
_cell.angle_alpha   90.00
_cell.angle_beta   99.00
_cell.angle_gamma   90.00
#
_symmetry.space_group_name_H-M   'C 1 2 1'
#
loop_
_entity.id
_entity.type
_entity.pdbx_description
1 polymer 'H52 FV (LIGHT CHAIN)'
2 polymer 'H52 FV (HEAVY CHAIN)'
3 water water
#
loop_
_entity_poly.entity_id
_entity_poly.type
_entity_poly.pdbx_seq_one_letter_code
_entity_poly.pdbx_strand_id
1 'polypeptide(L)'
;DIQMTQSPSSLSASVGDRVTITCRASQDINNYLNWYQQKPGKAPKLLIYYTSTLESGVPSRFSGSGSGTDYTLTISSLQP
EDFATYYCQQGNTLPPTFGAGTKVEIKRT
;
L
2 'polypeptide(L)'
;EVQLVESGGGLVQPGGSLRLSCATSGYTFTEYTMHWMRQAPGKGLEWVAGINPKNGGTSYADSVKGRFTISVDKSKNTLY
LQMNSLRAEDTAVYYCARWRGLNYGFDVRYFDVWGQGTLVTVSS
;
H
#
# COMPACT_ATOMS: atom_id res chain seq x y z
N ASP A 1 -9.70 7.01 11.43
CA ASP A 1 -8.76 6.01 10.98
C ASP A 1 -8.57 4.95 12.08
N ILE A 2 -8.67 3.64 11.79
CA ILE A 2 -8.35 2.60 12.76
C ILE A 2 -6.82 2.60 12.90
N GLN A 3 -6.22 2.70 14.10
CA GLN A 3 -4.76 2.73 14.24
C GLN A 3 -4.21 1.31 14.25
N MET A 4 -3.08 1.01 13.60
CA MET A 4 -2.49 -0.31 13.50
C MET A 4 -1.11 -0.22 14.13
N THR A 5 -0.74 -1.13 15.01
CA THR A 5 0.52 -1.12 15.77
C THR A 5 1.24 -2.41 15.42
N GLN A 6 2.40 -2.30 14.83
CA GLN A 6 3.14 -3.45 14.41
C GLN A 6 4.32 -3.67 15.36
N SER A 7 4.66 -4.89 15.69
CA SER A 7 5.77 -5.14 16.57
C SER A 7 6.38 -6.49 16.27
N PRO A 8 7.68 -6.70 16.42
CA PRO A 8 8.66 -5.65 16.76
C PRO A 8 8.84 -4.58 15.68
N SER A 9 9.39 -3.39 15.87
CA SER A 9 9.60 -2.49 14.75
C SER A 9 10.84 -3.03 14.04
N SER A 10 11.77 -3.77 14.67
CA SER A 10 12.83 -4.42 13.93
C SER A 10 13.30 -5.62 14.71
N LEU A 11 13.92 -6.59 14.08
CA LEU A 11 14.42 -7.75 14.77
C LEU A 11 15.62 -8.24 13.99
N SER A 12 16.56 -8.88 14.68
CA SER A 12 17.68 -9.51 14.02
C SER A 12 17.56 -11.05 14.09
N ALA A 13 17.61 -11.79 12.98
CA ALA A 13 17.53 -13.23 13.05
C ALA A 13 18.50 -13.80 12.05
N SER A 14 18.65 -15.10 11.92
CA SER A 14 19.60 -15.68 10.98
C SER A 14 18.81 -16.58 10.07
N VAL A 15 19.44 -17.07 9.00
CA VAL A 15 18.75 -17.93 8.04
C VAL A 15 18.30 -19.24 8.70
N GLY A 16 17.10 -19.73 8.44
CA GLY A 16 16.63 -20.98 9.00
C GLY A 16 15.70 -20.73 10.17
N ASP A 17 15.75 -19.55 10.80
CA ASP A 17 14.98 -19.23 11.99
C ASP A 17 13.49 -19.10 11.79
N ARG A 18 12.67 -19.41 12.80
CA ARG A 18 11.25 -19.17 12.79
C ARG A 18 11.00 -17.84 13.46
N VAL A 19 10.18 -16.91 12.90
CA VAL A 19 9.90 -15.65 13.57
C VAL A 19 8.43 -15.29 13.37
N THR A 20 7.88 -14.55 14.32
CA THR A 20 6.50 -14.11 14.22
C THR A 20 6.48 -12.58 14.36
N ILE A 21 5.72 -11.92 13.49
CA ILE A 21 5.55 -10.48 13.40
C ILE A 21 4.12 -10.26 13.87
N THR A 22 3.80 -9.20 14.60
CA THR A 22 2.47 -9.02 15.14
C THR A 22 1.89 -7.68 14.68
N CYS A 23 0.57 -7.61 14.57
CA CYS A 23 -0.14 -6.39 14.24
C CYS A 23 -1.38 -6.32 15.08
N ARG A 24 -1.55 -5.25 15.83
CA ARG A 24 -2.74 -5.06 16.66
C ARG A 24 -3.49 -3.84 16.13
N ALA A 25 -4.79 -3.96 15.92
CA ALA A 25 -5.59 -2.84 15.49
C ALA A 25 -6.23 -2.24 16.70
N SER A 26 -6.66 -0.98 16.61
CA SER A 26 -7.28 -0.33 17.74
C SER A 26 -8.70 -0.80 18.04
N GLN A 27 -9.33 -1.59 17.16
CA GLN A 27 -10.66 -2.17 17.40
C GLN A 27 -10.73 -3.44 16.55
N ASP A 28 -11.78 -4.22 16.64
CA ASP A 28 -11.96 -5.46 15.92
C ASP A 28 -12.02 -5.07 14.45
N ILE A 29 -11.18 -5.74 13.67
CA ILE A 29 -10.97 -5.57 12.23
C ILE A 29 -11.61 -6.68 11.40
N ASN A 30 -12.28 -7.65 12.09
CA ASN A 30 -13.10 -8.69 11.48
C ASN A 30 -12.37 -9.52 10.45
N ASN A 31 -11.11 -9.81 10.70
CA ASN A 31 -10.25 -10.61 9.82
C ASN A 31 -9.87 -9.95 8.53
N TYR A 32 -10.22 -8.69 8.31
CA TYR A 32 -9.79 -7.98 7.12
C TYR A 32 -8.40 -7.42 7.37
N LEU A 33 -7.42 -8.32 7.38
CA LEU A 33 -6.05 -7.95 7.65
C LEU A 33 -5.15 -8.59 6.61
N ASN A 34 -4.29 -7.77 6.05
CA ASN A 34 -3.44 -8.20 4.94
C ASN A 34 -1.99 -7.85 5.21
N TRP A 35 -1.12 -8.68 4.66
CA TRP A 35 0.31 -8.48 4.79
C TRP A 35 1.03 -8.19 3.47
N TYR A 36 1.94 -7.21 3.44
CA TYR A 36 2.77 -6.86 2.29
C TYR A 36 4.27 -6.90 2.63
N GLN A 37 5.14 -7.29 1.67
CA GLN A 37 6.58 -7.30 1.82
C GLN A 37 7.11 -6.15 0.95
N GLN A 38 8.16 -5.42 1.31
CA GLN A 38 8.74 -4.39 0.47
C GLN A 38 10.25 -4.40 0.66
N LYS A 39 10.92 -4.55 -0.46
CA LYS A 39 12.36 -4.47 -0.52
C LYS A 39 12.76 -3.03 -0.89
N PRO A 40 13.98 -2.55 -0.56
CA PRO A 40 14.51 -1.21 -0.90
C PRO A 40 14.32 -0.87 -2.37
N GLY A 41 13.72 0.29 -2.59
CA GLY A 41 13.54 0.77 -3.95
C GLY A 41 12.40 0.11 -4.73
N LYS A 42 11.55 -0.73 -4.12
CA LYS A 42 10.57 -1.44 -4.88
C LYS A 42 9.22 -1.21 -4.24
N ALA A 43 8.23 -1.47 -5.06
CA ALA A 43 6.84 -1.38 -4.63
C ALA A 43 6.42 -2.54 -3.72
N PRO A 44 5.48 -2.41 -2.79
CA PRO A 44 5.07 -3.50 -1.90
C PRO A 44 4.47 -4.67 -2.67
N LYS A 45 4.59 -5.92 -2.23
CA LYS A 45 3.92 -6.99 -2.88
C LYS A 45 3.12 -7.74 -1.80
N LEU A 46 1.89 -8.13 -2.12
CA LEU A 46 1.01 -8.94 -1.26
C LEU A 46 1.55 -10.32 -0.96
N LEU A 47 1.48 -10.67 0.32
CA LEU A 47 1.85 -12.02 0.73
C LEU A 47 0.60 -12.79 1.15
N ILE A 48 -0.22 -12.18 2.02
CA ILE A 48 -1.34 -12.88 2.63
C ILE A 48 -2.45 -11.87 2.71
N TYR A 49 -3.67 -12.35 2.49
CA TYR A 49 -4.83 -11.50 2.63
C TYR A 49 -5.92 -12.20 3.42
N TYR A 50 -6.84 -11.42 3.97
CA TYR A 50 -7.91 -11.91 4.78
C TYR A 50 -7.40 -12.84 5.85
N THR A 51 -6.39 -12.34 6.58
CA THR A 51 -5.71 -12.98 7.68
C THR A 51 -4.85 -14.23 7.33
N SER A 52 -5.35 -15.19 6.57
CA SER A 52 -4.73 -16.48 6.33
C SER A 52 -4.56 -16.93 4.88
N THR A 53 -5.05 -16.26 3.85
CA THR A 53 -5.00 -16.83 2.52
C THR A 53 -3.71 -16.34 1.87
N LEU A 54 -2.83 -17.22 1.43
CA LEU A 54 -1.58 -16.87 0.79
C LEU A 54 -1.88 -16.47 -0.65
N GLU A 55 -1.30 -15.41 -1.15
CA GLU A 55 -1.43 -15.13 -2.56
C GLU A 55 -0.74 -16.24 -3.38
N SER A 56 -1.18 -16.53 -4.63
CA SER A 56 -0.56 -17.58 -5.44
C SER A 56 0.91 -17.24 -5.69
N GLY A 57 1.72 -18.27 -5.69
CA GLY A 57 3.15 -18.13 -5.85
C GLY A 57 3.91 -17.85 -4.54
N VAL A 58 3.26 -17.35 -3.47
CA VAL A 58 3.96 -17.08 -2.22
C VAL A 58 4.37 -18.39 -1.53
N PRO A 59 5.65 -18.51 -1.15
CA PRO A 59 6.16 -19.69 -0.48
C PRO A 59 5.34 -20.13 0.75
N SER A 60 5.18 -21.44 1.00
CA SER A 60 4.39 -21.99 2.11
C SER A 60 5.03 -21.85 3.48
N ARG A 61 6.26 -21.36 3.54
CA ARG A 61 6.87 -21.06 4.83
C ARG A 61 6.21 -19.85 5.43
N PHE A 62 5.38 -19.09 4.70
CA PHE A 62 4.70 -17.90 5.23
C PHE A 62 3.31 -18.26 5.74
N SER A 63 2.83 -17.91 6.94
CA SER A 63 1.47 -18.23 7.31
C SER A 63 0.90 -17.11 8.17
N GLY A 64 -0.40 -16.99 8.31
CA GLY A 64 -0.94 -15.86 9.05
C GLY A 64 -2.07 -16.36 9.89
N SER A 65 -2.32 -15.76 11.04
CA SER A 65 -3.40 -16.12 11.95
C SER A 65 -3.88 -14.86 12.65
N GLY A 66 -4.97 -14.93 13.39
CA GLY A 66 -5.38 -13.80 14.23
C GLY A 66 -6.87 -13.65 14.16
N SER A 67 -7.41 -12.74 14.94
CA SER A 67 -8.83 -12.67 15.12
C SER A 67 -9.02 -11.43 15.95
N GLY A 68 -10.21 -10.84 15.95
CA GLY A 68 -10.47 -9.65 16.75
C GLY A 68 -9.51 -8.49 16.45
N THR A 69 -8.67 -8.10 17.43
CA THR A 69 -7.72 -7.00 17.26
C THR A 69 -6.31 -7.52 16.96
N ASP A 70 -5.96 -8.80 17.15
CA ASP A 70 -4.60 -9.28 17.15
C ASP A 70 -4.33 -10.25 16.01
N TYR A 71 -3.27 -10.01 15.22
CA TYR A 71 -3.00 -10.76 13.99
C TYR A 71 -1.52 -11.10 13.86
N THR A 72 -1.07 -12.21 13.32
CA THR A 72 0.36 -12.52 13.29
C THR A 72 0.77 -13.10 11.95
N LEU A 73 2.02 -12.95 11.61
CA LEU A 73 2.60 -13.47 10.39
C LEU A 73 3.78 -14.31 10.84
N THR A 74 3.92 -15.58 10.46
CA THR A 74 5.03 -16.40 10.91
C THR A 74 5.73 -16.92 9.68
N ILE A 75 7.05 -16.85 9.73
CA ILE A 75 7.89 -17.44 8.69
C ILE A 75 8.56 -18.61 9.43
N SER A 76 8.33 -19.81 8.96
CA SER A 76 8.79 -21.01 9.62
C SER A 76 10.27 -21.24 9.51
N SER A 77 10.93 -20.69 8.49
CA SER A 77 12.33 -20.95 8.22
C SER A 77 12.70 -19.81 7.28
N LEU A 78 13.22 -18.74 7.86
CA LEU A 78 13.66 -17.55 7.16
C LEU A 78 14.70 -17.84 6.06
N GLN A 79 14.43 -17.42 4.84
CA GLN A 79 15.38 -17.56 3.74
C GLN A 79 16.09 -16.23 3.47
N PRO A 80 17.26 -16.15 2.79
CA PRO A 80 17.93 -14.87 2.47
C PRO A 80 17.05 -13.80 1.82
N GLU A 81 16.21 -14.23 0.88
CA GLU A 81 15.26 -13.36 0.23
C GLU A 81 14.15 -12.81 1.13
N ASP A 82 14.01 -13.21 2.39
CA ASP A 82 12.94 -12.77 3.26
C ASP A 82 13.36 -11.61 4.10
N PHE A 83 14.63 -11.26 4.18
CA PHE A 83 15.03 -10.13 4.99
C PHE A 83 14.50 -8.88 4.27
N ALA A 84 13.49 -8.20 4.75
CA ALA A 84 12.78 -7.13 4.03
C ALA A 84 11.92 -6.35 5.02
N THR A 85 11.09 -5.37 4.65
CA THR A 85 10.18 -4.75 5.58
C THR A 85 8.81 -5.31 5.25
N TYR A 86 8.01 -5.54 6.30
CA TYR A 86 6.67 -6.10 6.23
C TYR A 86 5.71 -5.09 6.79
N TYR A 87 4.52 -4.97 6.20
CA TYR A 87 3.48 -4.08 6.62
C TYR A 87 2.18 -4.85 6.76
N CYS A 88 1.37 -4.56 7.75
CA CYS A 88 0.02 -5.10 7.73
C CYS A 88 -0.86 -3.92 7.38
N GLN A 89 -2.05 -4.20 6.85
CA GLN A 89 -3.00 -3.18 6.48
C GLN A 89 -4.40 -3.72 6.82
N GLN A 90 -5.27 -2.88 7.38
CA GLN A 90 -6.62 -3.29 7.63
C GLN A 90 -7.55 -2.83 6.50
N GLY A 91 -8.48 -3.68 6.11
CA GLY A 91 -9.45 -3.34 5.09
C GLY A 91 -10.83 -3.27 5.68
N ASN A 92 -11.03 -3.19 6.99
CA ASN A 92 -12.37 -3.19 7.57
C ASN A 92 -13.14 -1.90 7.42
N THR A 93 -12.47 -0.78 7.66
CA THR A 93 -13.02 0.55 7.66
C THR A 93 -12.15 1.39 6.76
N LEU A 94 -12.81 2.33 6.10
CA LEU A 94 -12.09 3.22 5.22
C LEU A 94 -11.80 4.54 5.92
N PRO A 95 -10.65 5.21 5.69
CA PRO A 95 -9.56 4.77 4.80
C PRO A 95 -8.74 3.53 5.18
N PRO A 96 -8.18 2.75 4.28
CA PRO A 96 -7.26 1.68 4.60
C PRO A 96 -6.08 2.27 5.41
N THR A 97 -5.57 1.63 6.45
CA THR A 97 -4.46 2.13 7.23
C THR A 97 -3.50 0.98 7.39
N PHE A 98 -2.21 1.35 7.50
CA PHE A 98 -1.11 0.43 7.56
C PHE A 98 -0.41 0.55 8.90
N GLY A 99 0.26 -0.54 9.26
CA GLY A 99 1.13 -0.53 10.39
C GLY A 99 2.36 0.28 9.98
N ALA A 100 3.21 0.66 10.92
CA ALA A 100 4.43 1.37 10.59
C ALA A 100 5.54 0.45 10.08
N GLY A 101 5.40 -0.88 9.93
CA GLY A 101 6.51 -1.72 9.41
C GLY A 101 7.41 -2.44 10.43
N THR A 102 7.90 -3.60 10.01
CA THR A 102 8.79 -4.45 10.80
C THR A 102 9.91 -4.78 9.86
N LYS A 103 11.09 -4.36 10.24
CA LYS A 103 12.27 -4.59 9.45
C LYS A 103 12.86 -5.91 9.95
N VAL A 104 13.07 -6.90 9.09
CA VAL A 104 13.68 -8.17 9.45
C VAL A 104 15.12 -8.02 8.99
N GLU A 105 16.07 -8.05 9.92
CA GLU A 105 17.47 -7.80 9.65
C GLU A 105 18.29 -9.02 9.97
N ILE A 106 19.41 -9.16 9.26
CA ILE A 106 20.29 -10.28 9.47
C ILE A 106 21.11 -10.06 10.75
N LYS A 107 21.39 -11.18 11.43
CA LYS A 107 22.27 -11.26 12.60
C LYS A 107 23.41 -12.21 12.21
N GLU B 1 -1.07 -9.76 -18.70
CA GLU B 1 -1.64 -9.64 -17.35
C GLU B 1 -2.06 -8.20 -17.01
N VAL B 2 -2.52 -7.99 -15.77
CA VAL B 2 -2.86 -6.69 -15.24
C VAL B 2 -1.55 -5.95 -14.97
N GLN B 3 -1.43 -4.70 -15.37
CA GLN B 3 -0.25 -3.91 -15.12
C GLN B 3 -0.69 -2.50 -14.88
N LEU B 4 0.03 -1.82 -14.00
CA LEU B 4 -0.24 -0.47 -13.57
C LEU B 4 1.10 0.20 -13.77
N VAL B 5 1.13 1.27 -14.54
CA VAL B 5 2.37 1.89 -14.92
C VAL B 5 2.23 3.35 -14.67
N GLU B 6 3.03 3.91 -13.80
CA GLU B 6 2.88 5.33 -13.49
C GLU B 6 3.91 6.17 -14.20
N SER B 7 3.58 7.41 -14.48
CA SER B 7 4.55 8.36 -14.98
C SER B 7 4.14 9.76 -14.50
N GLY B 8 4.91 10.78 -14.81
CA GLY B 8 4.60 12.09 -14.33
C GLY B 8 5.51 12.28 -13.12
N GLY B 9 5.53 13.44 -12.51
CA GLY B 9 6.41 13.54 -11.32
C GLY B 9 7.71 14.27 -11.66
N GLY B 10 8.68 14.29 -10.75
CA GLY B 10 9.93 15.01 -10.96
C GLY B 10 10.04 16.02 -9.82
N LEU B 11 10.48 17.24 -10.06
CA LEU B 11 10.72 18.18 -8.97
C LEU B 11 10.06 19.48 -9.25
N VAL B 12 9.32 20.04 -8.29
CA VAL B 12 8.76 21.38 -8.49
C VAL B 12 8.98 22.26 -7.26
N GLN B 13 8.78 23.56 -7.33
CA GLN B 13 8.97 24.45 -6.20
C GLN B 13 7.66 24.50 -5.39
N PRO B 14 7.64 24.89 -4.12
CA PRO B 14 6.42 25.07 -3.33
C PRO B 14 5.44 25.94 -4.09
N GLY B 15 4.20 25.54 -4.13
CA GLY B 15 3.18 26.26 -4.85
C GLY B 15 2.95 25.62 -6.23
N GLY B 16 3.85 24.74 -6.69
CA GLY B 16 3.75 24.14 -8.01
C GLY B 16 2.63 23.10 -8.13
N SER B 17 2.39 22.58 -9.34
CA SER B 17 1.36 21.57 -9.61
C SER B 17 1.95 20.53 -10.55
N LEU B 18 1.56 19.27 -10.42
CA LEU B 18 2.01 18.17 -11.24
C LEU B 18 0.78 17.28 -11.37
N ARG B 19 0.76 16.45 -12.38
CA ARG B 19 -0.35 15.56 -12.64
C ARG B 19 0.31 14.22 -12.85
N LEU B 20 0.06 13.30 -11.92
CA LEU B 20 0.56 11.93 -12.03
C LEU B 20 -0.38 11.08 -12.89
N SER B 21 0.10 10.08 -13.61
CA SER B 21 -0.71 9.16 -14.42
C SER B 21 -0.42 7.74 -13.96
N CYS B 22 -1.45 6.91 -14.03
CA CYS B 22 -1.36 5.49 -13.69
C CYS B 22 -2.13 4.78 -14.79
N ALA B 23 -1.44 4.33 -15.83
CA ALA B 23 -2.04 3.63 -16.95
C ALA B 23 -2.18 2.14 -16.66
N THR B 24 -3.36 1.56 -16.89
CA THR B 24 -3.58 0.15 -16.57
C THR B 24 -3.80 -0.66 -17.86
N SER B 25 -3.64 -1.96 -17.80
CA SER B 25 -4.03 -2.81 -18.89
C SER B 25 -4.33 -4.17 -18.29
N GLY B 26 -5.04 -4.99 -19.07
CA GLY B 26 -5.22 -6.37 -18.71
C GLY B 26 -6.49 -6.65 -17.98
N TYR B 27 -7.37 -5.66 -17.76
CA TYR B 27 -8.61 -5.96 -17.05
C TYR B 27 -9.67 -4.93 -17.41
N THR B 28 -10.93 -5.19 -17.12
CA THR B 28 -11.97 -4.21 -17.39
C THR B 28 -11.83 -3.06 -16.39
N PHE B 29 -11.36 -1.93 -16.87
CA PHE B 29 -11.16 -0.75 -16.06
C PHE B 29 -12.28 -0.34 -15.09
N THR B 30 -13.57 -0.31 -15.42
CA THR B 30 -14.58 0.21 -14.49
C THR B 30 -14.95 -0.72 -13.35
N GLU B 31 -14.43 -1.94 -13.36
CA GLU B 31 -14.84 -2.89 -12.36
C GLU B 31 -14.03 -2.87 -11.06
N TYR B 32 -13.05 -1.99 -10.88
CA TYR B 32 -12.25 -2.07 -9.68
C TYR B 32 -11.98 -0.68 -9.23
N THR B 33 -12.03 -0.42 -7.92
CA THR B 33 -11.71 0.90 -7.46
C THR B 33 -10.18 1.04 -7.40
N MET B 34 -9.67 2.29 -7.52
CA MET B 34 -8.24 2.53 -7.68
C MET B 34 -7.84 3.54 -6.64
N HIS B 35 -6.63 3.44 -6.11
CA HIS B 35 -6.20 4.35 -5.04
C HIS B 35 -4.81 4.88 -5.27
N TRP B 36 -4.55 6.06 -4.72
CA TRP B 36 -3.20 6.59 -4.65
C TRP B 36 -2.68 6.44 -3.21
N MET B 37 -1.47 5.92 -3.03
CA MET B 37 -0.78 5.78 -1.75
C MET B 37 0.52 6.53 -1.87
N ARG B 38 1.09 7.05 -0.77
CA ARG B 38 2.41 7.62 -0.87
C ARG B 38 3.29 7.12 0.24
N GLN B 39 4.58 7.27 0.04
CA GLN B 39 5.54 6.83 1.02
C GLN B 39 6.59 7.88 1.07
N ALA B 40 6.49 8.68 2.11
CA ALA B 40 7.41 9.79 2.32
C ALA B 40 8.72 9.16 2.73
N PRO B 41 9.90 9.69 2.39
CA PRO B 41 11.16 8.95 2.45
C PRO B 41 11.47 8.56 3.91
N GLY B 42 11.68 7.26 4.13
CA GLY B 42 11.96 6.67 5.45
C GLY B 42 10.74 6.45 6.34
N LYS B 43 9.52 6.79 5.89
CA LYS B 43 8.32 6.55 6.65
C LYS B 43 7.63 5.35 5.99
N GLY B 44 6.39 5.05 6.37
CA GLY B 44 5.64 3.95 5.83
C GLY B 44 4.66 4.45 4.77
N LEU B 45 3.71 3.60 4.45
CA LEU B 45 2.71 3.88 3.44
C LEU B 45 1.59 4.70 4.04
N GLU B 46 1.00 5.59 3.26
CA GLU B 46 -0.07 6.44 3.76
C GLU B 46 -1.08 6.49 2.62
N TRP B 47 -2.35 6.27 2.87
CA TRP B 47 -3.34 6.43 1.82
C TRP B 47 -3.60 7.91 1.48
N VAL B 48 -3.74 8.23 0.19
CA VAL B 48 -4.01 9.60 -0.26
C VAL B 48 -5.42 9.87 -0.84
N ALA B 49 -5.93 9.05 -1.79
CA ALA B 49 -7.18 9.36 -2.53
C ALA B 49 -7.68 8.11 -3.21
N GLY B 50 -8.98 7.92 -3.38
CA GLY B 50 -9.51 6.74 -4.02
C GLY B 50 -10.66 7.17 -4.91
N ILE B 51 -10.90 6.36 -5.91
CA ILE B 51 -12.02 6.62 -6.82
C ILE B 51 -12.65 5.29 -7.28
N ASN B 52 -13.96 5.25 -7.39
CA ASN B 52 -14.65 4.07 -7.87
C ASN B 52 -14.99 4.48 -9.28
N PRO B 53 -14.46 3.88 -10.34
CA PRO B 53 -14.75 4.32 -11.70
C PRO B 53 -16.22 4.04 -12.12
N LYS B 54 -16.98 3.14 -11.46
CA LYS B 54 -18.36 2.84 -11.83
C LYS B 54 -19.33 3.98 -11.65
N ASN B 55 -19.17 4.71 -10.55
CA ASN B 55 -20.10 5.78 -10.24
C ASN B 55 -19.42 7.10 -9.91
N GLY B 56 -18.09 7.15 -10.10
CA GLY B 56 -17.38 8.38 -9.93
C GLY B 56 -17.23 8.82 -8.49
N GLY B 57 -17.46 7.93 -7.52
CA GLY B 57 -17.32 8.22 -6.08
C GLY B 57 -15.85 8.47 -5.75
N THR B 58 -15.42 9.59 -5.17
CA THR B 58 -14.01 9.81 -4.82
C THR B 58 -13.80 10.06 -3.32
N SER B 59 -12.62 9.84 -2.73
CA SER B 59 -12.44 10.18 -1.31
C SER B 59 -11.00 10.60 -1.14
N TYR B 60 -10.72 11.49 -0.19
CA TYR B 60 -9.39 12.07 -0.04
C TYR B 60 -8.95 12.13 1.40
N ALA B 61 -7.65 11.97 1.66
CA ALA B 61 -7.09 12.10 2.99
C ALA B 61 -7.13 13.58 3.33
N ASP B 62 -7.24 13.89 4.62
CA ASP B 62 -7.36 15.25 5.11
C ASP B 62 -6.20 16.18 4.80
N SER B 63 -5.01 15.63 4.61
CA SER B 63 -3.80 16.38 4.25
C SER B 63 -3.78 16.93 2.82
N VAL B 64 -4.61 16.39 1.91
CA VAL B 64 -4.57 16.76 0.50
C VAL B 64 -5.97 17.23 0.07
N LYS B 65 -7.03 17.07 0.90
CA LYS B 65 -8.36 17.49 0.52
C LYS B 65 -8.34 18.96 0.14
N GLY B 66 -8.92 19.16 -1.02
CA GLY B 66 -8.98 20.47 -1.64
C GLY B 66 -7.84 20.75 -2.62
N ARG B 67 -6.65 20.20 -2.43
CA ARG B 67 -5.52 20.50 -3.29
C ARG B 67 -5.34 19.42 -4.34
N PHE B 68 -5.69 18.18 -4.04
CA PHE B 68 -5.52 17.14 -5.03
C PHE B 68 -6.87 16.74 -5.56
N THR B 69 -6.96 16.23 -6.78
CA THR B 69 -8.22 15.80 -7.39
C THR B 69 -7.91 14.44 -8.03
N ILE B 70 -8.64 13.34 -7.78
CA ILE B 70 -8.34 12.07 -8.48
C ILE B 70 -9.33 11.94 -9.64
N SER B 71 -8.95 11.46 -10.83
CA SER B 71 -9.91 11.35 -11.94
C SER B 71 -9.43 10.19 -12.79
N VAL B 72 -10.24 9.81 -13.76
CA VAL B 72 -10.02 8.60 -14.56
C VAL B 72 -10.30 8.99 -16.03
N ASP B 73 -9.65 8.39 -17.01
CA ASP B 73 -10.09 8.53 -18.39
C ASP B 73 -10.39 7.09 -18.77
N LYS B 74 -11.70 6.80 -18.86
CA LYS B 74 -12.18 5.47 -19.16
C LYS B 74 -11.87 5.03 -20.59
N SER B 75 -11.79 5.92 -21.59
CA SER B 75 -11.37 5.49 -22.92
C SER B 75 -9.88 5.13 -22.98
N LYS B 76 -9.00 5.80 -22.20
CA LYS B 76 -7.61 5.42 -22.15
C LYS B 76 -7.22 4.48 -21.01
N ASN B 77 -8.18 4.01 -20.18
CA ASN B 77 -7.94 3.17 -19.03
C ASN B 77 -6.89 3.74 -18.07
N THR B 78 -6.84 5.07 -17.92
CA THR B 78 -5.86 5.72 -17.07
C THR B 78 -6.45 6.42 -15.83
N LEU B 79 -5.74 6.33 -14.71
CA LEU B 79 -6.05 6.98 -13.46
C LEU B 79 -5.12 8.19 -13.34
N TYR B 80 -5.57 9.32 -12.79
CA TYR B 80 -4.78 10.52 -12.68
C TYR B 80 -4.89 11.05 -11.25
N LEU B 81 -3.89 11.83 -10.84
CA LEU B 81 -3.91 12.59 -9.62
C LEU B 81 -3.29 13.94 -9.95
N GLN B 82 -4.14 14.95 -9.90
CA GLN B 82 -3.76 16.32 -10.09
C GLN B 82 -3.37 16.83 -8.70
N MET B 83 -2.19 17.41 -8.52
CA MET B 83 -1.71 17.87 -7.23
C MET B 83 -1.50 19.37 -7.37
N ASN B 84 -2.28 20.26 -6.76
CA ASN B 84 -2.03 21.69 -6.88
C ASN B 84 -1.46 22.21 -5.54
N SER B 85 -0.94 23.45 -5.49
CA SER B 85 -0.38 24.07 -4.28
C SER B 85 0.47 23.12 -3.48
N LEU B 86 1.38 22.46 -4.20
CA LEU B 86 2.27 21.53 -3.56
C LEU B 86 3.10 22.22 -2.46
N ARG B 87 3.44 21.42 -1.46
CA ARG B 87 4.35 21.91 -0.42
C ARG B 87 5.30 20.81 -0.10
N ALA B 88 6.36 21.25 0.56
CA ALA B 88 7.49 20.37 0.86
C ALA B 88 7.05 19.11 1.55
N GLU B 89 6.03 19.10 2.40
CA GLU B 89 5.56 17.86 3.04
C GLU B 89 4.99 16.84 2.06
N ASP B 90 4.73 17.22 0.80
CA ASP B 90 4.17 16.29 -0.13
C ASP B 90 5.27 15.50 -0.83
N THR B 91 6.58 15.69 -0.56
CA THR B 91 7.62 14.85 -1.13
C THR B 91 7.43 13.37 -0.76
N ALA B 92 7.44 12.49 -1.75
CA ALA B 92 7.20 11.08 -1.49
C ALA B 92 7.27 10.33 -2.81
N VAL B 93 7.33 9.02 -2.68
CA VAL B 93 7.06 8.13 -3.81
C VAL B 93 5.56 7.87 -3.82
N TYR B 94 4.84 8.16 -4.92
CA TYR B 94 3.40 7.95 -5.03
C TYR B 94 3.18 6.68 -5.84
N TYR B 95 2.31 5.85 -5.30
CA TYR B 95 1.97 4.56 -5.87
C TYR B 95 0.50 4.52 -6.22
N CYS B 96 0.07 4.04 -7.38
CA CYS B 96 -1.35 3.77 -7.58
C CYS B 96 -1.52 2.28 -7.24
N ALA B 97 -2.69 1.80 -6.93
CA ALA B 97 -2.85 0.38 -6.59
C ALA B 97 -4.31 0.01 -6.77
N ARG B 98 -4.58 -1.21 -7.17
CA ARG B 98 -5.93 -1.66 -7.43
C ARG B 98 -6.47 -2.36 -6.19
N TRP B 99 -7.74 -2.10 -5.85
CA TRP B 99 -8.42 -2.70 -4.72
C TRP B 99 -9.32 -3.79 -5.30
N ARG B 100 -9.10 -4.98 -4.74
CA ARG B 100 -9.83 -6.16 -5.08
C ARG B 100 -11.01 -6.17 -4.13
N GLY B 101 -12.16 -6.03 -4.82
CA GLY B 101 -13.50 -6.10 -4.26
C GLY B 101 -13.83 -5.20 -3.09
N LEU B 102 -15.13 -4.97 -2.94
CA LEU B 102 -15.62 -4.05 -1.94
C LEU B 102 -16.36 -4.80 -0.83
N ASP B 107 -13.26 -12.95 0.91
CA ASP B 107 -11.81 -12.88 1.15
C ASP B 107 -11.25 -11.73 0.33
N VAL B 108 -11.92 -10.59 0.37
CA VAL B 108 -11.52 -9.52 -0.51
C VAL B 108 -11.08 -8.39 0.43
N ARG B 109 -11.08 -7.16 -0.02
CA ARG B 109 -10.69 -5.95 0.71
C ARG B 109 -9.19 -5.91 0.96
N TYR B 110 -8.49 -5.96 -0.18
CA TYR B 110 -7.05 -5.83 -0.19
C TYR B 110 -6.58 -5.21 -1.51
N PHE B 111 -5.33 -4.71 -1.54
CA PHE B 111 -4.72 -4.14 -2.72
C PHE B 111 -4.03 -5.27 -3.42
N ASP B 112 -4.41 -5.61 -4.64
CA ASP B 112 -3.78 -6.74 -5.24
C ASP B 112 -2.77 -6.42 -6.29
N VAL B 113 -2.76 -5.20 -6.86
CA VAL B 113 -1.76 -4.85 -7.86
C VAL B 113 -1.28 -3.44 -7.52
N TRP B 114 0.02 -3.20 -7.54
CA TRP B 114 0.64 -1.91 -7.24
C TRP B 114 1.46 -1.48 -8.47
N GLY B 115 1.43 -0.18 -8.75
CA GLY B 115 2.24 0.48 -9.76
C GLY B 115 3.68 0.54 -9.27
N GLN B 116 4.68 0.92 -10.05
CA GLN B 116 6.06 0.86 -9.62
C GLN B 116 6.56 2.05 -8.80
N GLY B 117 5.75 3.06 -8.64
CA GLY B 117 6.06 4.25 -7.88
C GLY B 117 6.66 5.36 -8.74
N THR B 118 6.32 6.61 -8.46
CA THR B 118 7.01 7.68 -9.13
C THR B 118 7.24 8.70 -8.04
N LEU B 119 8.42 9.33 -8.08
CA LEU B 119 8.88 10.27 -7.08
C LEU B 119 8.42 11.68 -7.34
N VAL B 120 7.92 12.41 -6.38
CA VAL B 120 7.60 13.80 -6.52
C VAL B 120 8.46 14.49 -5.44
N THR B 121 9.33 15.47 -5.76
CA THR B 121 10.06 16.19 -4.72
C THR B 121 9.61 17.65 -4.70
N VAL B 122 9.23 18.28 -3.59
CA VAL B 122 8.88 19.69 -3.64
C VAL B 122 9.99 20.44 -2.89
N SER B 123 10.83 21.24 -3.54
CA SER B 123 11.87 22.03 -2.89
C SER B 123 12.23 23.25 -3.72
N SER B 124 12.81 24.29 -3.09
CA SER B 124 13.43 25.38 -3.81
C SER B 124 14.96 25.13 -3.75
#